data_4J3P
#
_entry.id   4J3P
#
_cell.length_a   118.880
_cell.length_b   118.880
_cell.length_c   84.490
_cell.angle_alpha   90.00
_cell.angle_beta   90.00
_cell.angle_gamma   120.00
#
_symmetry.space_group_name_H-M   'P 32 2 1'
#
loop_
_entity.id
_entity.type
_entity.pdbx_description
1 polymer 'Catechol oxidase'
2 branched beta-D-mannopyranose-(1-4)-2-acetamido-2-deoxy-beta-D-glucopyranose-(1-4)-2-acetamido-2-deoxy-beta-D-glucopyranose
3 non-polymer 'COPPER (II) ION'
4 non-polymer 'OXYGEN MOLECULE'
5 non-polymer 2-acetamido-2-deoxy-beta-D-glucopyranose
6 non-polymer alpha-D-mannopyranose
7 non-polymer 'SULFATE ION'
8 water water
#
_entity_poly.entity_id   1
_entity_poly.type   'polypeptide(L)'
_entity_poly.pdbx_seq_one_letter_code
;AATATLPTTASSSTAVASSQLDQLANFAYNVTTDSVAGGSESKRGGCTLQNLRVRRDWRAFSKTQKKDYINSVLCLQKLP
SRTPAHLAPGARTRYDDFVATHINQTQIIHYTGTFLAWHRYFIYEFEQALRDECSYTGDYPYWNWGADADNMEKSQVFDG
SETSMSGNGEYIPNQGDIKLLLGNYPAIDLPPGSGGGCVTSGPFKDYKLNLGPAALSLPGGNMTAAANPLTYNPRCMKRS
LTTEILQRYNTFPKIVELILDSDDIWDFQMTMQGVPGSGSIGVHGGGHYSMGGDPGRDVYVSPGDTAFWLHHGMIDRVWW
IWQNLDLRKRQNAISGTGTFMNNPASPNTTLDTVIDLGYANGGPIAMRDLMSTTAGPFCYVYL
;
_entity_poly.pdbx_strand_id   A
#
loop_
_chem_comp.id
_chem_comp.type
_chem_comp.name
_chem_comp.formula
BMA D-saccharide, beta linking beta-D-mannopyranose 'C6 H12 O6'
CU non-polymer 'COPPER (II) ION' 'Cu 2'
MAN D-saccharide, alpha linking alpha-D-mannopyranose 'C6 H12 O6'
NAG D-saccharide, beta linking 2-acetamido-2-deoxy-beta-D-glucopyranose 'C8 H15 N O6'
OXY non-polymer 'OXYGEN MOLECULE' O2
SO4 non-polymer 'SULFATE ION' 'O4 S -2'
#
# COMPACT_ATOMS: atom_id res chain seq x y z
N THR A 5 -7.78 -29.05 7.42
CA THR A 5 -6.73 -28.77 6.46
C THR A 5 -6.98 -27.47 5.69
N LEU A 6 -5.94 -26.97 5.03
CA LEU A 6 -6.02 -25.70 4.31
C LEU A 6 -6.49 -25.91 2.87
N PRO A 7 -7.10 -24.87 2.29
CA PRO A 7 -7.47 -24.94 0.86
C PRO A 7 -6.22 -24.86 0.00
N THR A 8 -6.22 -25.50 -1.15
CA THR A 8 -5.10 -25.44 -2.06
C THR A 8 -5.51 -24.87 -3.42
N THR A 9 -6.82 -24.77 -3.63
CA THR A 9 -7.37 -24.24 -4.87
C THR A 9 -8.44 -23.20 -4.56
N ALA A 10 -8.29 -22.02 -5.16
CA ALA A 10 -9.18 -20.90 -4.86
C ALA A 10 -10.55 -21.13 -5.46
N SER A 11 -11.60 -20.83 -4.69
CA SER A 11 -12.96 -20.93 -5.21
C SER A 11 -13.33 -19.67 -5.97
N SER A 12 -14.36 -19.78 -6.81
CA SER A 12 -14.87 -18.62 -7.52
C SER A 12 -16.02 -18.00 -6.74
N SER A 13 -16.40 -18.66 -5.65
CA SER A 13 -17.46 -18.15 -4.80
C SER A 13 -16.91 -17.17 -3.78
N THR A 14 -17.55 -16.01 -3.70
CA THR A 14 -17.08 -14.93 -2.86
C THR A 14 -17.13 -15.30 -1.37
N ALA A 15 -18.27 -15.86 -0.97
CA ALA A 15 -18.48 -16.21 0.44
C ALA A 15 -17.44 -17.19 0.95
N VAL A 16 -17.19 -18.26 0.21
CA VAL A 16 -16.24 -19.27 0.67
C VAL A 16 -14.78 -18.79 0.55
N ALA A 17 -14.48 -18.08 -0.54
CA ALA A 17 -13.13 -17.55 -0.76
C ALA A 17 -12.73 -16.63 0.37
N SER A 18 -13.70 -15.89 0.89
CA SER A 18 -13.46 -15.09 2.08
C SER A 18 -13.05 -16.01 3.23
N SER A 19 -13.82 -17.06 3.45
CA SER A 19 -13.53 -17.96 4.56
C SER A 19 -12.29 -18.79 4.25
N GLN A 20 -12.11 -19.15 2.98
CA GLN A 20 -10.85 -19.72 2.53
C GLN A 20 -9.70 -18.84 2.99
N LEU A 21 -9.81 -17.53 2.74
CA LEU A 21 -8.79 -16.58 3.18
C LEU A 21 -8.65 -16.58 4.70
N ASP A 22 -9.78 -16.67 5.39
CA ASP A 22 -9.78 -16.63 6.85
C ASP A 22 -9.02 -17.80 7.46
N GLN A 23 -9.20 -18.99 6.88
CA GLN A 23 -8.47 -20.17 7.31
C GLN A 23 -6.96 -19.99 7.12
N LEU A 24 -6.56 -19.63 5.90
CA LEU A 24 -5.16 -19.40 5.56
C LEU A 24 -4.54 -18.36 6.51
N ALA A 25 -5.32 -17.35 6.87
CA ALA A 25 -4.85 -16.34 7.82
C ALA A 25 -4.65 -16.90 9.22
N ASN A 26 -5.63 -17.66 9.72
CA ASN A 26 -5.50 -18.26 11.05
C ASN A 26 -4.30 -19.20 11.14
N PHE A 27 -4.09 -20.00 10.09
CA PHE A 27 -2.89 -20.81 9.98
C PHE A 27 -1.64 -19.94 10.11
N ALA A 28 -1.60 -18.87 9.32
CA ALA A 28 -0.47 -17.96 9.34
C ALA A 28 -0.31 -17.36 10.74
N TYR A 29 -1.43 -17.07 11.37
CA TYR A 29 -1.45 -16.57 12.73
C TYR A 29 -0.86 -17.62 13.68
N ASN A 30 -1.32 -18.86 13.53
CA ASN A 30 -0.80 -19.96 14.37
C ASN A 30 0.71 -20.15 14.29
N VAL A 31 1.24 -20.22 13.07
CA VAL A 31 2.67 -20.43 12.88
C VAL A 31 3.47 -19.29 13.47
N THR A 32 2.96 -18.08 13.32
CA THR A 32 3.69 -16.91 13.77
C THR A 32 3.70 -16.80 15.28
N THR A 33 2.53 -16.93 15.88
CA THR A 33 2.39 -16.81 17.33
C THR A 33 3.15 -17.91 18.06
N ASP A 34 2.97 -19.16 17.65
CA ASP A 34 3.62 -20.23 18.43
C ASP A 34 5.10 -20.45 18.08
N SER A 35 5.64 -19.64 17.20
CA SER A 35 7.07 -19.69 16.90
C SER A 35 7.81 -18.59 17.64
N VAL A 36 7.08 -17.65 18.21
CA VAL A 36 7.73 -16.55 18.90
C VAL A 36 7.96 -16.88 20.37
N ALA A 37 9.07 -16.40 20.91
CA ALA A 37 9.40 -16.64 22.31
C ALA A 37 8.45 -15.88 23.22
N GLY A 46 14.83 -9.73 21.76
CA GLY A 46 14.05 -9.13 20.69
C GLY A 46 12.57 -9.50 20.74
N CYS A 47 12.09 -10.15 19.68
CA CYS A 47 10.66 -10.39 19.54
C CYS A 47 10.17 -11.57 20.37
N THR A 48 9.17 -11.32 21.21
CA THR A 48 8.55 -12.36 22.02
C THR A 48 7.05 -12.19 21.94
N LEU A 49 6.32 -13.19 22.43
CA LEU A 49 4.87 -13.12 22.48
C LEU A 49 4.44 -11.89 23.29
N GLN A 50 5.25 -11.53 24.29
CA GLN A 50 4.91 -10.41 25.15
C GLN A 50 4.81 -9.07 24.40
N ASN A 51 5.83 -8.74 23.61
CA ASN A 51 5.83 -7.48 22.88
C ASN A 51 5.37 -7.63 21.42
N LEU A 52 4.70 -8.73 21.13
CA LEU A 52 4.13 -8.95 19.80
C LEU A 52 2.93 -8.04 19.55
N ARG A 53 3.06 -7.11 18.62
CA ARG A 53 1.91 -6.29 18.29
C ARG A 53 1.01 -6.98 17.29
N VAL A 54 -0.27 -6.63 17.30
CA VAL A 54 -1.21 -7.21 16.36
C VAL A 54 -1.72 -6.10 15.46
N ARG A 55 -1.63 -6.33 14.15
CA ARG A 55 -2.21 -5.40 13.20
C ARG A 55 -3.60 -5.89 12.86
N ARG A 56 -4.53 -4.95 12.69
CA ARG A 56 -5.94 -5.28 12.62
C ARG A 56 -6.66 -4.58 11.48
N ASP A 57 -7.68 -5.26 10.96
CA ASP A 57 -8.58 -4.72 9.96
C ASP A 57 -9.23 -3.44 10.49
N TRP A 58 -9.35 -2.43 9.62
CA TRP A 58 -9.94 -1.13 10.00
C TRP A 58 -11.35 -1.28 10.58
N ARG A 59 -12.11 -2.23 10.03
CA ARG A 59 -13.49 -2.49 10.49
C ARG A 59 -13.54 -2.86 11.97
N ALA A 60 -12.44 -3.44 12.46
CA ALA A 60 -12.35 -3.93 13.83
C ALA A 60 -12.01 -2.83 14.84
N PHE A 61 -11.57 -1.67 14.34
CA PHE A 61 -11.32 -0.47 15.13
C PHE A 61 -12.63 0.15 15.58
N SER A 62 -12.80 0.34 16.89
CA SER A 62 -13.94 1.10 17.38
C SER A 62 -13.77 2.55 16.95
N LYS A 63 -14.85 3.33 16.98
CA LYS A 63 -14.85 4.72 16.51
C LYS A 63 -13.67 5.55 17.01
N THR A 64 -13.48 5.54 18.32
CA THR A 64 -12.43 6.32 18.97
C THR A 64 -11.02 5.84 18.59
N GLN A 65 -10.92 4.53 18.31
CA GLN A 65 -9.66 3.95 17.87
C GLN A 65 -9.35 4.40 16.45
N LYS A 66 -10.39 4.44 15.60
CA LYS A 66 -10.26 5.01 14.26
C LYS A 66 -9.74 6.44 14.36
N LYS A 67 -10.41 7.23 15.19
CA LYS A 67 -10.05 8.65 15.32
C LYS A 67 -8.65 8.83 15.88
N ASP A 68 -8.25 7.98 16.81
CA ASP A 68 -6.90 8.06 17.38
C ASP A 68 -5.85 7.92 16.29
N TYR A 69 -6.02 6.93 15.42
CA TYR A 69 -5.11 6.74 14.31
C TYR A 69 -5.12 7.95 13.37
N ILE A 70 -6.32 8.34 12.95
CA ILE A 70 -6.50 9.49 12.07
C ILE A 70 -5.81 10.74 12.63
N ASN A 71 -6.09 11.06 13.88
CA ASN A 71 -5.41 12.18 14.54
C ASN A 71 -3.88 12.06 14.57
N SER A 72 -3.37 10.84 14.74
CA SER A 72 -1.93 10.66 14.68
C SER A 72 -1.40 10.99 13.28
N VAL A 73 -2.15 10.60 12.26
CA VAL A 73 -1.76 10.92 10.88
C VAL A 73 -1.82 12.42 10.65
N LEU A 74 -2.91 13.03 11.08
CA LEU A 74 -3.08 14.47 10.99
C LEU A 74 -1.91 15.18 11.69
N CYS A 75 -1.47 14.59 12.79
CA CYS A 75 -0.34 15.11 13.56
C CYS A 75 0.92 15.14 12.71
N LEU A 76 1.26 14.02 12.07
CA LEU A 76 2.40 13.98 11.15
C LEU A 76 2.22 14.93 9.98
N GLN A 77 0.96 15.22 9.64
CA GLN A 77 0.69 16.22 8.61
C GLN A 77 0.75 17.66 9.13
N LYS A 78 1.03 17.83 10.42
CA LYS A 78 1.23 19.17 10.96
C LYS A 78 2.67 19.42 11.39
N LEU A 79 3.36 18.38 11.89
CA LEU A 79 4.73 18.55 12.35
C LEU A 79 5.63 18.81 11.16
N PRO A 80 6.63 19.70 11.33
CA PRO A 80 7.50 20.14 10.23
C PRO A 80 8.45 19.07 9.66
N SER A 81 8.74 19.18 8.37
CA SER A 81 9.56 18.20 7.66
C SER A 81 11.03 18.25 8.09
N ARG A 82 11.65 17.07 8.14
CA ARG A 82 13.05 16.94 8.55
C ARG A 82 13.96 16.85 7.34
N THR A 83 13.40 16.49 6.19
CA THR A 83 14.18 16.39 4.97
C THR A 83 14.87 17.71 4.70
N PRO A 84 16.20 17.66 4.46
CA PRO A 84 16.92 18.87 4.05
C PRO A 84 16.18 19.57 2.92
N ALA A 85 15.75 20.80 3.17
CA ALA A 85 14.93 21.56 2.25
C ALA A 85 15.43 21.52 0.81
N HIS A 86 16.75 21.58 0.64
CA HIS A 86 17.31 21.62 -0.71
C HIS A 86 17.16 20.29 -1.45
N LEU A 87 16.84 19.22 -0.73
CA LEU A 87 16.65 17.91 -1.35
C LEU A 87 15.21 17.65 -1.75
N ALA A 88 14.28 18.16 -0.95
CA ALA A 88 12.86 18.13 -1.27
C ALA A 88 12.24 19.46 -0.87
N PRO A 89 12.31 20.47 -1.77
CA PRO A 89 11.89 21.84 -1.48
C PRO A 89 10.38 21.95 -1.23
N GLY A 90 9.62 21.01 -1.78
CA GLY A 90 8.19 21.04 -1.64
C GLY A 90 7.74 20.44 -0.32
N ALA A 91 8.67 19.82 0.39
CA ALA A 91 8.32 19.18 1.65
C ALA A 91 8.05 20.23 2.72
N ARG A 92 6.95 20.05 3.45
CA ARG A 92 6.59 20.95 4.54
C ARG A 92 6.43 20.18 5.86
N THR A 93 5.98 18.93 5.77
CA THR A 93 5.58 18.19 6.97
C THR A 93 6.33 16.88 7.12
N ARG A 94 6.23 16.27 8.31
CA ARG A 94 6.78 14.95 8.55
C ARG A 94 6.13 13.92 7.63
N TYR A 95 4.84 14.11 7.34
CA TYR A 95 4.16 13.27 6.37
C TYR A 95 4.79 13.40 4.98
N ASP A 96 5.16 14.62 4.57
CA ASP A 96 5.84 14.80 3.29
C ASP A 96 7.15 14.02 3.25
N ASP A 97 7.85 13.95 4.39
CA ASP A 97 9.12 13.22 4.51
C ASP A 97 8.95 11.81 3.97
N PHE A 98 7.85 11.17 4.36
CA PHE A 98 7.52 9.87 3.83
C PHE A 98 7.18 9.88 2.34
N VAL A 99 6.42 10.88 1.90
CA VAL A 99 6.02 10.95 0.50
C VAL A 99 7.23 11.21 -0.39
N ALA A 100 8.07 12.13 0.05
CA ALA A 100 9.28 12.48 -0.69
C ALA A 100 10.20 11.28 -0.93
N THR A 101 10.45 10.48 0.12
CA THR A 101 11.32 9.30 -0.06
C THR A 101 10.71 8.30 -1.02
N HIS A 102 9.40 8.18 -1.02
CA HIS A 102 8.75 7.26 -1.92
C HIS A 102 8.89 7.72 -3.36
N ILE A 103 8.66 9.01 -3.62
CA ILE A 103 8.82 9.55 -4.97
C ILE A 103 10.26 9.37 -5.38
N ASN A 104 11.16 9.65 -4.44
CA ASN A 104 12.58 9.60 -4.70
C ASN A 104 13.06 8.22 -5.15
N GLN A 105 12.44 7.17 -4.63
CA GLN A 105 12.96 5.82 -4.85
C GLN A 105 12.04 4.93 -5.67
N THR A 106 11.01 5.52 -6.27
CA THR A 106 9.99 4.74 -7.01
C THR A 106 10.60 3.76 -8.00
N GLN A 107 11.68 4.17 -8.68
CA GLN A 107 12.28 3.39 -9.75
C GLN A 107 13.00 2.12 -9.26
N ILE A 108 13.34 2.10 -7.97
CA ILE A 108 14.04 0.97 -7.38
C ILE A 108 13.20 0.22 -6.33
N ILE A 109 11.90 0.51 -6.23
CA ILE A 109 11.08 -0.15 -5.22
C ILE A 109 9.80 -0.77 -5.76
N HIS A 110 9.60 -0.68 -7.07
CA HIS A 110 8.46 -1.37 -7.65
C HIS A 110 8.98 -2.27 -8.74
N TYR A 111 8.35 -3.44 -8.89
CA TYR A 111 8.86 -4.51 -9.75
C TYR A 111 10.35 -4.77 -9.53
N THR A 112 10.78 -4.68 -8.28
CA THR A 112 12.14 -5.00 -7.93
C THR A 112 12.13 -6.20 -7.00
N GLY A 113 13.30 -6.70 -6.66
CA GLY A 113 13.38 -7.76 -5.67
C GLY A 113 13.02 -7.21 -4.31
N THR A 114 13.12 -5.89 -4.16
CA THR A 114 12.95 -5.26 -2.86
C THR A 114 11.53 -4.77 -2.63
N PHE A 115 10.66 -4.96 -3.61
CA PHE A 115 9.32 -4.40 -3.53
C PHE A 115 8.61 -4.66 -2.21
N LEU A 116 8.44 -5.94 -1.91
CA LEU A 116 7.69 -6.34 -0.73
C LEU A 116 8.33 -5.90 0.58
N ALA A 117 9.62 -6.14 0.70
CA ALA A 117 10.32 -5.88 1.94
C ALA A 117 10.47 -4.40 2.20
N TRP A 118 10.65 -3.63 1.13
CA TRP A 118 10.87 -2.20 1.28
C TRP A 118 9.58 -1.59 1.83
N HIS A 119 8.45 -1.98 1.25
CA HIS A 119 7.18 -1.46 1.70
C HIS A 119 6.84 -1.88 3.12
N ARG A 120 7.16 -3.12 3.45
CA ARG A 120 7.00 -3.59 4.83
C ARG A 120 7.77 -2.69 5.81
N TYR A 121 8.98 -2.33 5.45
CA TYR A 121 9.79 -1.46 6.29
C TYR A 121 9.27 -0.03 6.26
N PHE A 122 8.78 0.39 5.10
CA PHE A 122 8.21 1.73 4.92
C PHE A 122 7.03 1.97 5.87
N ILE A 123 6.08 1.05 5.89
CA ILE A 123 4.91 1.23 6.74
C ILE A 123 5.28 1.07 8.23
N TYR A 124 6.25 0.21 8.51
CA TYR A 124 6.67 0.05 9.89
C TYR A 124 7.24 1.35 10.43
N GLU A 125 8.06 2.02 9.62
CA GLU A 125 8.70 3.24 10.07
C GLU A 125 7.71 4.40 10.16
N PHE A 126 6.72 4.38 9.28
CA PHE A 126 5.61 5.32 9.35
C PHE A 126 4.90 5.14 10.69
N GLU A 127 4.61 3.90 11.02
CA GLU A 127 4.02 3.55 12.29
C GLU A 127 4.87 4.08 13.45
N GLN A 128 6.18 3.85 13.39
CA GLN A 128 7.08 4.35 14.43
C GLN A 128 7.00 5.89 14.60
N ALA A 129 6.87 6.62 13.49
CA ALA A 129 6.68 8.07 13.55
C ALA A 129 5.39 8.44 14.28
N LEU A 130 4.30 7.76 13.92
CA LEU A 130 3.03 7.97 14.61
C LEU A 130 3.17 7.76 16.11
N ARG A 131 3.88 6.70 16.50
CA ARG A 131 4.04 6.38 17.92
C ARG A 131 5.02 7.30 18.63
N ASP A 132 6.13 7.61 17.97
CA ASP A 132 7.20 8.36 18.64
C ASP A 132 7.01 9.88 18.60
N GLU A 133 6.25 10.37 17.63
CA GLU A 133 6.05 11.81 17.47
C GLU A 133 4.60 12.26 17.69
N CYS A 134 3.66 11.35 17.49
CA CYS A 134 2.24 11.68 17.53
C CYS A 134 1.46 10.84 18.52
N SER A 135 2.18 10.26 19.49
CA SER A 135 1.58 9.60 20.66
C SER A 135 0.61 8.47 20.31
N TYR A 136 0.76 7.88 19.13
CA TYR A 136 -0.12 6.77 18.79
C TYR A 136 0.21 5.53 19.63
N THR A 137 -0.82 4.92 20.22
CA THR A 137 -0.60 3.72 21.03
C THR A 137 -1.52 2.58 20.62
N GLY A 138 -2.25 2.78 19.51
CA GLY A 138 -3.14 1.76 19.01
C GLY A 138 -2.44 0.84 18.03
N ASP A 139 -3.24 0.04 17.34
CA ASP A 139 -2.73 -0.94 16.39
C ASP A 139 -2.66 -0.40 14.96
N TYR A 140 -1.70 -0.91 14.19
CA TYR A 140 -1.60 -0.61 12.76
C TYR A 140 -2.81 -1.18 12.04
N PRO A 141 -3.52 -0.34 11.27
CA PRO A 141 -4.75 -0.72 10.56
C PRO A 141 -4.49 -1.16 9.12
N TYR A 142 -5.29 -2.09 8.62
CA TYR A 142 -5.17 -2.46 7.22
C TYR A 142 -6.52 -2.44 6.55
N TRP A 143 -6.53 -2.28 5.23
CA TRP A 143 -7.78 -2.24 4.49
C TRP A 143 -8.01 -3.55 3.73
N ASN A 144 -9.02 -4.30 4.17
CA ASN A 144 -9.35 -5.57 3.52
C ASN A 144 -10.20 -5.32 2.30
N TRP A 145 -9.56 -5.28 1.13
CA TRP A 145 -10.26 -4.94 -0.12
C TRP A 145 -11.52 -5.77 -0.32
N GLY A 146 -11.40 -7.07 -0.13
CA GLY A 146 -12.44 -8.03 -0.46
C GLY A 146 -13.83 -7.69 0.04
N ALA A 147 -13.88 -7.14 1.25
CA ALA A 147 -15.14 -6.84 1.92
C ALA A 147 -15.84 -5.64 1.31
N ASP A 148 -15.08 -4.84 0.54
CA ASP A 148 -15.63 -3.61 -0.03
C ASP A 148 -15.73 -3.69 -1.54
N ALA A 149 -15.37 -4.84 -2.10
CA ALA A 149 -15.26 -4.96 -3.56
C ALA A 149 -16.57 -4.77 -4.33
N ASP A 150 -17.69 -4.65 -3.63
CA ASP A 150 -19.00 -4.46 -4.28
C ASP A 150 -19.50 -3.03 -4.17
N ASN A 151 -18.93 -2.31 -3.21
CA ASN A 151 -19.28 -0.92 -3.03
C ASN A 151 -18.17 -0.24 -2.26
N MET A 152 -17.26 0.38 -3.00
CA MET A 152 -16.14 1.08 -2.40
C MET A 152 -16.63 2.24 -1.54
N GLU A 153 -17.71 2.88 -1.99
CA GLU A 153 -18.27 4.03 -1.29
C GLU A 153 -18.72 3.71 0.14
N LYS A 154 -19.07 2.45 0.40
CA LYS A 154 -19.50 2.06 1.73
C LYS A 154 -18.34 1.54 2.56
N SER A 155 -17.15 1.49 1.96
CA SER A 155 -15.98 1.07 2.71
C SER A 155 -15.81 2.01 3.88
N GLN A 156 -15.42 1.44 5.02
CA GLN A 156 -15.19 2.26 6.20
C GLN A 156 -13.92 3.08 6.04
N VAL A 157 -13.11 2.73 5.05
CA VAL A 157 -11.91 3.49 4.75
C VAL A 157 -12.27 4.74 3.93
N PHE A 158 -13.31 4.64 3.10
CA PHE A 158 -13.61 5.66 2.09
C PHE A 158 -15.04 6.22 2.10
N ASP A 159 -15.74 6.19 3.23
CA ASP A 159 -17.16 6.58 3.18
C ASP A 159 -17.39 8.06 3.44
N GLY A 160 -16.31 8.82 3.59
CA GLY A 160 -16.40 10.26 3.71
C GLY A 160 -16.80 10.74 5.10
N SER A 161 -17.13 9.82 5.99
CA SER A 161 -17.46 10.18 7.36
C SER A 161 -16.21 10.54 8.15
N GLU A 162 -16.42 10.91 9.41
CA GLU A 162 -15.33 11.43 10.23
C GLU A 162 -14.33 10.34 10.60
N THR A 163 -14.64 9.09 10.26
CA THR A 163 -13.76 7.96 10.55
C THR A 163 -13.28 7.27 9.28
N SER A 164 -13.32 8.01 8.18
CA SER A 164 -12.78 7.50 6.93
C SER A 164 -11.44 8.15 6.71
N MET A 165 -10.77 7.79 5.63
CA MET A 165 -9.57 8.48 5.20
C MET A 165 -10.04 9.50 4.18
N SER A 166 -11.07 10.25 4.57
CA SER A 166 -11.90 11.02 3.64
C SER A 166 -12.49 10.09 2.58
N GLY A 167 -13.44 10.60 1.78
CA GLY A 167 -14.14 9.73 0.86
C GLY A 167 -13.91 10.09 -0.59
N ASN A 168 -15.00 10.31 -1.30
CA ASN A 168 -14.92 10.58 -2.72
C ASN A 168 -14.57 12.03 -2.99
N GLY A 169 -14.29 12.35 -4.25
CA GLY A 169 -13.98 13.71 -4.64
C GLY A 169 -15.20 14.29 -5.32
N GLU A 170 -15.20 15.61 -5.54
CA GLU A 170 -16.27 16.27 -6.31
C GLU A 170 -16.54 15.49 -7.58
N TYR A 171 -17.80 15.15 -7.80
CA TYR A 171 -18.15 14.45 -9.02
C TYR A 171 -17.78 15.30 -10.22
N ILE A 172 -17.09 14.71 -11.16
CA ILE A 172 -16.83 15.34 -12.45
C ILE A 172 -17.37 14.41 -13.52
N PRO A 173 -18.37 14.87 -14.27
CA PRO A 173 -19.09 14.05 -15.25
C PRO A 173 -18.33 13.85 -16.55
N ASN A 174 -18.52 12.68 -17.17
CA ASN A 174 -18.08 12.44 -18.54
C ASN A 174 -16.59 12.41 -18.75
N GLN A 175 -15.86 12.03 -17.70
CA GLN A 175 -14.42 11.90 -17.82
C GLN A 175 -14.07 10.66 -18.65
N GLY A 176 -13.00 10.79 -19.44
CA GLY A 176 -12.56 9.67 -20.26
C GLY A 176 -11.96 8.58 -19.41
N ASP A 177 -11.62 7.45 -20.03
CA ASP A 177 -11.04 6.35 -19.31
C ASP A 177 -9.61 6.65 -18.87
N ILE A 178 -9.15 5.86 -17.90
CA ILE A 178 -7.74 5.83 -17.55
C ILE A 178 -7.10 4.86 -18.52
N LYS A 179 -5.93 5.22 -19.03
CA LYS A 179 -5.24 4.34 -19.95
C LYS A 179 -3.83 4.06 -19.45
N LEU A 180 -3.69 2.91 -18.79
CA LEU A 180 -2.44 2.56 -18.12
C LEU A 180 -1.46 1.87 -19.05
N LEU A 181 -0.29 2.45 -19.18
CA LEU A 181 0.77 1.87 -19.99
C LEU A 181 1.91 1.34 -19.11
N LEU A 182 2.04 0.02 -19.06
CA LEU A 182 3.19 -0.60 -18.44
C LEU A 182 4.22 -0.89 -19.53
N GLY A 183 5.19 0.01 -19.68
CA GLY A 183 6.19 -0.11 -20.73
C GLY A 183 5.63 0.24 -22.11
N ASN A 184 5.91 -0.62 -23.08
CA ASN A 184 5.42 -0.44 -24.44
C ASN A 184 4.11 -1.21 -24.67
N TYR A 185 3.75 -2.01 -23.68
CA TYR A 185 2.55 -2.86 -23.74
C TYR A 185 1.27 -2.09 -24.05
N PRO A 186 0.24 -2.80 -24.55
CA PRO A 186 -1.08 -2.17 -24.80
C PRO A 186 -1.70 -1.68 -23.50
N ALA A 187 -2.42 -0.57 -23.59
CA ALA A 187 -3.00 0.07 -22.42
C ALA A 187 -4.06 -0.81 -21.77
N ILE A 188 -4.09 -0.79 -20.45
CA ILE A 188 -5.21 -1.35 -19.71
C ILE A 188 -6.17 -0.19 -19.47
N ASP A 189 -7.43 -0.38 -19.85
CA ASP A 189 -8.41 0.69 -19.74
C ASP A 189 -9.23 0.55 -18.48
N LEU A 190 -9.44 1.67 -17.78
CA LEU A 190 -10.22 1.68 -16.55
C LEU A 190 -11.21 2.83 -16.59
N PRO A 191 -12.38 2.65 -15.96
CA PRO A 191 -13.36 3.72 -15.89
C PRO A 191 -12.86 4.83 -14.96
N PRO A 192 -13.38 6.06 -15.10
CA PRO A 192 -12.89 7.23 -14.35
C PRO A 192 -13.41 7.33 -12.93
N GLY A 193 -14.35 6.46 -12.56
CA GLY A 193 -14.94 6.52 -11.24
C GLY A 193 -15.96 7.64 -11.07
N SER A 194 -16.49 7.73 -9.85
CA SER A 194 -17.64 8.60 -9.55
C SER A 194 -17.26 9.89 -8.82
N GLY A 195 -15.97 10.21 -8.79
CA GLY A 195 -15.51 11.45 -8.20
C GLY A 195 -14.78 12.29 -9.23
N GLY A 196 -13.55 12.69 -8.90
CA GLY A 196 -12.74 13.43 -9.85
C GLY A 196 -11.98 14.57 -9.20
N GLY A 197 -12.63 15.29 -8.31
CA GLY A 197 -12.06 16.48 -7.74
C GLY A 197 -11.60 16.30 -6.32
N CYS A 198 -11.47 17.42 -5.61
CA CYS A 198 -11.04 17.43 -4.22
C CYS A 198 -11.96 16.58 -3.36
N VAL A 199 -11.40 15.91 -2.36
CA VAL A 199 -12.22 15.17 -1.41
C VAL A 199 -13.12 16.18 -0.71
N THR A 200 -14.38 15.80 -0.53
CA THR A 200 -15.41 16.75 -0.12
C THR A 200 -15.70 16.72 1.37
N SER A 201 -15.26 15.67 2.05
CA SER A 201 -15.53 15.48 3.47
C SER A 201 -14.51 14.59 4.13
N GLY A 202 -14.66 14.39 5.43
CA GLY A 202 -13.78 13.49 6.16
C GLY A 202 -12.63 14.26 6.76
N PRO A 203 -11.82 13.58 7.56
CA PRO A 203 -10.74 14.23 8.33
C PRO A 203 -9.69 14.92 7.46
N PHE A 204 -9.57 14.54 6.19
CA PHE A 204 -8.47 15.04 5.37
C PHE A 204 -8.90 16.02 4.27
N LYS A 205 -10.05 16.67 4.45
CA LYS A 205 -10.59 17.56 3.42
C LYS A 205 -9.75 18.82 3.29
N ASP A 206 -9.05 19.19 4.35
CA ASP A 206 -8.18 20.36 4.37
C ASP A 206 -6.72 19.93 4.39
N TYR A 207 -6.48 18.66 4.08
CA TYR A 207 -5.11 18.17 3.94
C TYR A 207 -4.54 18.67 2.62
N LYS A 208 -3.34 19.22 2.69
CA LYS A 208 -2.68 19.82 1.53
C LYS A 208 -1.60 18.89 0.99
N LEU A 209 -1.88 18.31 -0.17
CA LEU A 209 -0.90 17.48 -0.86
C LEU A 209 0.19 18.40 -1.43
N ASN A 210 1.44 18.20 -1.00
CA ASN A 210 2.49 19.15 -1.33
C ASN A 210 3.43 18.76 -2.48
N LEU A 211 3.55 17.47 -2.78
CA LEU A 211 4.54 17.02 -3.76
C LEU A 211 3.88 16.44 -5.00
N GLY A 212 4.68 16.19 -6.03
CA GLY A 212 4.13 15.73 -7.28
C GLY A 212 3.39 16.81 -8.06
N PRO A 213 2.69 16.42 -9.12
CA PRO A 213 2.58 15.04 -9.60
C PRO A 213 3.86 14.63 -10.32
N ALA A 214 4.23 13.36 -10.20
CA ALA A 214 5.43 12.86 -10.86
C ALA A 214 5.04 12.12 -12.12
N ALA A 215 4.01 11.30 -12.02
CA ALA A 215 3.51 10.58 -13.17
C ALA A 215 2.03 10.32 -12.98
N LEU A 216 1.22 11.36 -13.11
CA LEU A 216 -0.20 11.28 -12.81
C LEU A 216 -1.07 10.95 -14.01
N SER A 217 -1.62 9.75 -14.03
CA SER A 217 -2.52 9.35 -15.10
C SER A 217 -3.82 10.11 -15.01
N LEU A 218 -4.28 10.62 -16.15
CA LEU A 218 -5.49 11.42 -16.22
C LEU A 218 -6.54 10.68 -17.03
N PRO A 219 -7.82 10.92 -16.71
CA PRO A 219 -8.91 10.46 -17.58
C PRO A 219 -8.68 11.01 -18.97
N GLY A 220 -8.74 10.15 -19.99
CA GLY A 220 -8.44 10.57 -21.34
C GLY A 220 -7.17 9.96 -21.89
N GLY A 221 -6.22 9.65 -21.00
CA GLY A 221 -4.99 8.99 -21.41
C GLY A 221 -3.76 9.85 -21.21
N ASN A 222 -3.97 11.11 -20.85
CA ASN A 222 -2.89 12.02 -20.57
C ASN A 222 -2.18 11.67 -19.28
N MET A 223 -0.99 12.23 -19.10
CA MET A 223 -0.23 12.05 -17.88
C MET A 223 0.46 13.35 -17.51
N THR A 224 0.28 13.79 -16.27
CA THR A 224 0.92 15.02 -15.83
C THR A 224 2.17 14.72 -15.01
N ALA A 225 3.27 15.34 -15.38
CA ALA A 225 4.56 15.10 -14.76
C ALA A 225 5.23 16.44 -14.49
N ALA A 226 5.39 16.79 -13.22
CA ALA A 226 6.08 18.02 -12.89
C ALA A 226 7.54 17.90 -13.35
N ALA A 227 8.19 19.03 -13.58
CA ALA A 227 9.62 19.05 -13.90
C ALA A 227 10.39 18.43 -12.74
N ASN A 228 10.11 18.88 -11.53
CA ASN A 228 10.68 18.29 -10.33
C ASN A 228 9.59 18.04 -9.29
N PRO A 229 9.18 16.77 -9.14
CA PRO A 229 8.07 16.30 -8.29
C PRO A 229 8.33 16.50 -6.82
N LEU A 230 9.56 16.86 -6.46
CA LEU A 230 9.90 17.12 -5.07
C LEU A 230 9.83 18.61 -4.76
N THR A 231 9.48 19.41 -5.76
CA THR A 231 9.30 20.83 -5.51
C THR A 231 7.86 21.12 -5.05
N TYR A 232 7.61 22.37 -4.68
CA TYR A 232 6.33 22.80 -4.12
C TYR A 232 5.21 22.89 -5.15
N ASN A 233 4.13 22.15 -4.91
CA ASN A 233 2.92 22.26 -5.71
C ASN A 233 1.70 22.00 -4.85
N PRO A 234 1.43 22.89 -3.88
CA PRO A 234 0.38 22.59 -2.90
C PRO A 234 -0.99 22.54 -3.55
N ARG A 235 -1.77 21.51 -3.24
CA ARG A 235 -3.10 21.33 -3.80
C ARG A 235 -3.90 20.36 -2.93
N CYS A 236 -5.17 20.18 -3.27
CA CYS A 236 -6.01 19.26 -2.52
C CYS A 236 -5.70 17.83 -2.92
N MET A 237 -6.04 16.89 -2.05
CA MET A 237 -6.04 15.49 -2.42
C MET A 237 -7.30 15.23 -3.22
N LYS A 238 -7.17 14.56 -4.36
CA LYS A 238 -8.33 14.24 -5.17
C LYS A 238 -8.58 12.75 -5.15
N ARG A 239 -9.86 12.39 -5.24
CA ARG A 239 -10.24 11.01 -5.32
C ARG A 239 -11.37 10.84 -6.32
N SER A 240 -11.41 9.67 -6.96
CA SER A 240 -12.57 9.28 -7.72
C SER A 240 -12.79 7.79 -7.48
N LEU A 241 -13.52 7.49 -6.40
CA LEU A 241 -13.78 6.12 -5.99
C LEU A 241 -14.33 5.34 -7.17
N THR A 242 -13.82 4.12 -7.37
CA THR A 242 -14.14 3.38 -8.59
C THR A 242 -14.34 1.92 -8.26
N THR A 243 -15.58 1.58 -7.95
CA THR A 243 -15.92 0.22 -7.52
C THR A 243 -15.53 -0.85 -8.54
N GLU A 244 -15.79 -0.57 -9.81
CA GLU A 244 -15.53 -1.54 -10.87
C GLU A 244 -14.09 -2.07 -10.86
N ILE A 245 -13.15 -1.20 -10.48
CA ILE A 245 -11.75 -1.60 -10.39
C ILE A 245 -11.56 -2.64 -9.28
N LEU A 246 -12.14 -2.40 -8.12
CA LEU A 246 -12.02 -3.35 -7.02
C LEU A 246 -12.65 -4.69 -7.36
N GLN A 247 -13.77 -4.68 -8.07
CA GLN A 247 -14.45 -5.94 -8.33
C GLN A 247 -13.81 -6.66 -9.50
N ARG A 248 -12.93 -5.96 -10.19
CA ARG A 248 -12.20 -6.55 -11.30
C ARG A 248 -10.90 -7.16 -10.79
N TYR A 249 -10.31 -6.56 -9.75
CA TYR A 249 -8.98 -6.98 -9.34
C TYR A 249 -8.79 -7.31 -7.85
N ASN A 250 -9.78 -6.99 -7.00
CA ASN A 250 -9.58 -7.07 -5.56
C ASN A 250 -10.64 -7.86 -4.80
N THR A 251 -11.34 -8.75 -5.49
CA THR A 251 -12.32 -9.60 -4.81
C THR A 251 -11.62 -10.69 -4.01
N PHE A 252 -12.32 -11.26 -3.03
CA PHE A 252 -11.79 -12.38 -2.27
C PHE A 252 -11.27 -13.50 -3.17
N PRO A 253 -12.03 -13.84 -4.23
CA PRO A 253 -11.43 -14.82 -5.16
C PRO A 253 -10.06 -14.40 -5.71
N LYS A 254 -9.92 -13.17 -6.19
CA LYS A 254 -8.65 -12.70 -6.72
C LYS A 254 -7.56 -12.73 -5.65
N ILE A 255 -7.93 -12.38 -4.43
CA ILE A 255 -6.99 -12.44 -3.31
C ILE A 255 -6.49 -13.87 -3.09
N VAL A 256 -7.41 -14.83 -3.04
CA VAL A 256 -7.05 -16.21 -2.79
C VAL A 256 -6.30 -16.87 -3.97
N GLU A 257 -6.64 -16.48 -5.19
CA GLU A 257 -5.85 -16.92 -6.34
C GLU A 257 -4.41 -16.51 -6.14
N LEU A 258 -4.22 -15.22 -5.86
CA LEU A 258 -2.90 -14.66 -5.62
C LEU A 258 -2.11 -15.51 -4.61
N ILE A 259 -2.75 -15.85 -3.50
CA ILE A 259 -2.07 -16.60 -2.44
C ILE A 259 -1.87 -18.06 -2.79
N LEU A 260 -2.94 -18.72 -3.23
CA LEU A 260 -2.89 -20.16 -3.50
C LEU A 260 -2.18 -20.57 -4.81
N ASP A 261 -2.27 -19.73 -5.83
CA ASP A 261 -1.72 -20.10 -7.13
C ASP A 261 -0.33 -19.56 -7.40
N SER A 262 0.36 -19.09 -6.36
CA SER A 262 1.70 -18.57 -6.56
C SER A 262 2.68 -19.50 -5.84
N ASP A 263 3.39 -20.32 -6.63
CA ASP A 263 4.29 -21.31 -6.03
C ASP A 263 5.68 -20.77 -5.69
N ASP A 264 6.01 -19.56 -6.15
CA ASP A 264 7.26 -18.93 -5.74
C ASP A 264 7.13 -17.42 -5.60
N ILE A 265 8.13 -16.79 -4.98
CA ILE A 265 8.08 -15.37 -4.70
C ILE A 265 7.93 -14.52 -5.96
N TRP A 266 8.60 -14.91 -7.04
CA TRP A 266 8.50 -14.20 -8.31
C TRP A 266 7.05 -14.16 -8.78
N ASP A 267 6.43 -15.33 -8.92
CA ASP A 267 5.03 -15.38 -9.30
C ASP A 267 4.16 -14.58 -8.32
N PHE A 268 4.41 -14.73 -7.02
CA PHE A 268 3.64 -13.97 -6.02
C PHE A 268 3.72 -12.46 -6.30
N GLN A 269 4.91 -11.90 -6.15
CA GLN A 269 5.09 -10.47 -6.33
C GLN A 269 4.61 -9.98 -7.67
N MET A 270 4.81 -10.76 -8.73
CA MET A 270 4.40 -10.33 -10.07
C MET A 270 2.90 -10.33 -10.21
N THR A 271 2.27 -11.38 -9.70
CA THR A 271 0.82 -11.46 -9.83
C THR A 271 0.15 -10.38 -9.00
N MET A 272 0.68 -10.15 -7.79
CA MET A 272 0.22 -9.07 -6.93
C MET A 272 0.32 -7.70 -7.60
N GLN A 273 1.40 -7.45 -8.32
CA GLN A 273 1.63 -6.16 -8.96
C GLN A 273 0.97 -6.04 -10.33
N GLY A 274 0.65 -7.18 -10.92
CA GLY A 274 0.16 -7.19 -12.30
C GLY A 274 1.34 -7.41 -13.20
N VAL A 275 1.38 -8.54 -13.90
CA VAL A 275 2.47 -8.78 -14.84
C VAL A 275 2.13 -8.07 -16.14
N PRO A 276 3.07 -7.28 -16.66
CA PRO A 276 2.85 -6.48 -17.87
C PRO A 276 2.51 -7.34 -19.08
N GLY A 277 1.41 -7.00 -19.77
CA GLY A 277 0.97 -7.76 -20.93
C GLY A 277 -0.25 -8.61 -20.67
N SER A 278 -0.58 -8.80 -19.40
CA SER A 278 -1.65 -9.71 -18.99
C SER A 278 -2.99 -9.00 -18.92
N GLY A 279 -2.97 -7.68 -19.10
CA GLY A 279 -4.16 -6.85 -18.95
C GLY A 279 -4.66 -6.76 -17.52
N SER A 280 -3.83 -7.22 -16.57
CA SER A 280 -4.23 -7.25 -15.17
C SER A 280 -3.25 -6.42 -14.34
N ILE A 281 -3.75 -5.72 -13.34
CA ILE A 281 -2.90 -4.88 -12.49
C ILE A 281 -2.82 -5.38 -11.06
N GLY A 282 -3.41 -6.54 -10.80
CA GLY A 282 -3.33 -7.18 -9.50
C GLY A 282 -4.07 -6.49 -8.36
N VAL A 283 -4.07 -7.12 -7.19
CA VAL A 283 -4.72 -6.52 -6.03
C VAL A 283 -3.98 -5.25 -5.64
N HIS A 284 -2.69 -5.19 -5.96
CA HIS A 284 -1.91 -3.99 -5.64
C HIS A 284 -2.22 -2.79 -6.50
N GLY A 285 -2.31 -2.99 -7.82
CA GLY A 285 -2.64 -1.90 -8.71
C GLY A 285 -4.11 -1.60 -8.56
N GLY A 286 -4.89 -2.66 -8.31
CA GLY A 286 -6.31 -2.51 -8.08
C GLY A 286 -6.61 -1.58 -6.93
N GLY A 287 -6.00 -1.84 -5.77
CA GLY A 287 -6.23 -1.03 -4.59
C GLY A 287 -5.82 0.43 -4.73
N HIS A 288 -4.66 0.68 -5.33
CA HIS A 288 -4.24 2.04 -5.63
C HIS A 288 -5.22 2.77 -6.58
N TYR A 289 -5.42 2.20 -7.77
CA TYR A 289 -6.19 2.88 -8.81
C TYR A 289 -7.67 3.01 -8.50
N SER A 290 -8.21 2.13 -7.67
CA SER A 290 -9.59 2.26 -7.24
C SER A 290 -9.87 3.58 -6.52
N MET A 291 -8.83 4.18 -5.95
CA MET A 291 -8.99 5.45 -5.27
C MET A 291 -9.22 6.59 -6.27
N GLY A 292 -8.71 6.42 -7.48
CA GLY A 292 -8.72 7.47 -8.48
C GLY A 292 -8.01 8.74 -8.02
N GLY A 293 -8.16 9.80 -8.79
CA GLY A 293 -7.66 11.10 -8.38
C GLY A 293 -6.16 11.26 -8.29
N ASP A 294 -5.72 11.94 -7.24
CA ASP A 294 -4.35 12.44 -7.14
C ASP A 294 -4.03 12.53 -5.68
N PRO A 295 -3.01 11.79 -5.22
CA PRO A 295 -2.08 11.07 -6.08
C PRO A 295 -2.49 9.63 -6.30
N GLY A 296 -3.76 9.30 -6.13
CA GLY A 296 -4.23 7.94 -6.30
C GLY A 296 -3.78 7.26 -7.58
N ARG A 297 -3.68 8.02 -8.68
CA ARG A 297 -3.23 7.47 -9.95
C ARG A 297 -1.80 7.85 -10.30
N ASP A 298 -0.98 8.05 -9.28
CA ASP A 298 0.42 8.38 -9.47
C ASP A 298 1.29 7.40 -8.68
N VAL A 299 1.85 6.42 -9.41
CA VAL A 299 2.72 5.41 -8.86
C VAL A 299 3.84 5.98 -7.96
N TYR A 300 4.31 7.19 -8.24
CA TYR A 300 5.37 7.80 -7.44
C TYR A 300 4.85 8.42 -6.15
N VAL A 301 3.71 9.08 -6.24
CA VAL A 301 3.25 9.97 -5.18
C VAL A 301 2.16 9.31 -4.32
N SER A 302 1.84 8.06 -4.62
CA SER A 302 0.75 7.37 -3.95
C SER A 302 0.68 7.45 -2.42
N PRO A 303 1.81 7.53 -1.70
CA PRO A 303 1.65 7.67 -0.24
C PRO A 303 1.02 9.00 0.16
N GLY A 304 0.93 9.93 -0.77
CA GLY A 304 0.24 11.18 -0.56
C GLY A 304 -1.25 10.99 -0.31
N ASP A 305 -1.78 9.85 -0.74
CA ASP A 305 -3.13 9.47 -0.37
C ASP A 305 -3.04 8.71 0.96
N THR A 306 -3.87 9.14 1.91
CA THR A 306 -3.80 8.61 3.28
C THR A 306 -4.19 7.13 3.37
N ALA A 307 -5.03 6.67 2.45
CA ALA A 307 -5.42 5.26 2.41
C ALA A 307 -4.25 4.31 2.13
N PHE A 308 -3.20 4.83 1.50
CA PHE A 308 -2.00 4.08 1.16
C PHE A 308 -1.55 3.15 2.28
N TRP A 309 -1.52 3.68 3.50
CA TRP A 309 -0.98 2.92 4.63
C TRP A 309 -1.81 1.67 4.96
N LEU A 310 -3.12 1.78 4.80
CA LEU A 310 -4.01 0.66 5.05
C LEU A 310 -3.91 -0.35 3.92
N HIS A 311 -3.96 0.16 2.68
CA HIS A 311 -3.73 -0.64 1.49
C HIS A 311 -2.46 -1.48 1.64
N HIS A 312 -1.37 -0.83 2.01
CA HIS A 312 -0.12 -1.56 2.13
C HIS A 312 -0.04 -2.38 3.40
N GLY A 313 -0.93 -2.10 4.35
CA GLY A 313 -1.07 -2.96 5.51
C GLY A 313 -1.55 -4.30 4.99
N MET A 314 -2.51 -4.24 4.07
CA MET A 314 -3.13 -5.43 3.51
C MET A 314 -2.20 -6.18 2.55
N ILE A 315 -1.35 -5.42 1.86
CA ILE A 315 -0.36 -6.00 0.97
C ILE A 315 0.62 -6.81 1.79
N ASP A 316 1.10 -6.21 2.86
CA ASP A 316 2.01 -6.85 3.77
C ASP A 316 1.31 -8.07 4.38
N ARG A 317 0.02 -7.95 4.65
CA ARG A 317 -0.69 -9.06 5.27
C ARG A 317 -0.74 -10.23 4.30
N VAL A 318 -1.09 -9.92 3.06
CA VAL A 318 -1.20 -10.96 2.05
C VAL A 318 0.14 -11.66 1.84
N TRP A 319 1.21 -10.87 1.80
CA TRP A 319 2.54 -11.44 1.67
C TRP A 319 2.84 -12.34 2.89
N TRP A 320 2.47 -11.88 4.08
CA TRP A 320 2.76 -12.60 5.31
C TRP A 320 1.98 -13.93 5.37
N ILE A 321 0.74 -13.91 4.87
CA ILE A 321 -0.02 -15.14 4.81
C ILE A 321 0.69 -16.11 3.89
N TRP A 322 1.03 -15.65 2.69
CA TRP A 322 1.70 -16.49 1.70
C TRP A 322 3.00 -17.09 2.22
N GLN A 323 3.81 -16.28 2.91
CA GLN A 323 5.07 -16.76 3.45
C GLN A 323 4.85 -17.93 4.43
N ASN A 324 3.81 -17.82 5.24
CA ASN A 324 3.59 -18.80 6.31
C ASN A 324 2.95 -20.09 5.81
N LEU A 325 2.44 -20.08 4.60
CA LEU A 325 1.96 -21.32 3.98
C LEU A 325 3.09 -22.32 3.78
N ASP A 326 4.32 -21.83 3.78
CA ASP A 326 5.48 -22.65 3.48
C ASP A 326 6.70 -21.98 4.04
N LEU A 327 6.76 -21.84 5.36
CA LEU A 327 7.77 -20.97 5.97
C LEU A 327 9.20 -21.42 5.72
N ARG A 328 9.40 -22.71 5.52
CA ARG A 328 10.75 -23.22 5.26
C ARG A 328 11.30 -22.61 3.97
N LYS A 329 10.49 -22.68 2.93
CA LYS A 329 10.88 -22.25 1.58
C LYS A 329 10.67 -20.75 1.32
N ARG A 330 9.67 -20.13 1.95
CA ARG A 330 9.21 -18.80 1.56
C ARG A 330 9.66 -17.62 2.44
N GLN A 331 9.99 -17.89 3.70
CA GLN A 331 10.33 -16.84 4.64
C GLN A 331 11.40 -15.87 4.15
N ASN A 332 12.43 -16.38 3.51
CA ASN A 332 13.53 -15.54 3.05
C ASN A 332 13.60 -15.43 1.53
N ALA A 333 12.54 -15.88 0.87
CA ALA A 333 12.53 -15.95 -0.58
C ALA A 333 12.53 -14.55 -1.22
N ILE A 334 13.44 -14.38 -2.16
CA ILE A 334 13.66 -13.11 -2.83
C ILE A 334 13.83 -13.41 -4.32
N SER A 335 13.29 -12.54 -5.18
CA SER A 335 13.55 -12.63 -6.62
C SER A 335 13.37 -11.28 -7.31
N GLY A 336 14.15 -11.05 -8.36
CA GLY A 336 14.11 -9.76 -9.02
C GLY A 336 15.40 -8.99 -8.80
N THR A 337 15.41 -7.75 -9.26
CA THR A 337 16.64 -6.98 -9.24
C THR A 337 16.40 -5.64 -8.55
N GLY A 338 17.35 -4.74 -8.70
CA GLY A 338 17.29 -3.43 -8.07
C GLY A 338 16.67 -2.35 -8.91
N THR A 339 16.08 -2.71 -10.04
CA THR A 339 15.52 -1.73 -10.95
C THR A 339 14.14 -2.15 -11.48
N PHE A 340 13.26 -1.16 -11.60
CA PHE A 340 11.89 -1.33 -12.06
C PHE A 340 11.86 -2.21 -13.32
N MET A 341 11.31 -3.42 -13.18
CA MET A 341 11.26 -4.39 -14.29
C MET A 341 12.64 -4.72 -14.86
N ASN A 342 13.68 -4.53 -14.06
CA ASN A 342 15.06 -4.66 -14.52
C ASN A 342 15.38 -3.78 -15.73
N ASN A 343 14.89 -2.54 -15.68
CA ASN A 343 15.20 -1.54 -16.69
C ASN A 343 15.77 -0.28 -16.04
N PRO A 344 17.05 0.00 -16.28
CA PRO A 344 18.02 -0.85 -17.00
C PRO A 344 18.42 -2.00 -16.09
N ALA A 345 19.15 -2.98 -16.62
CA ALA A 345 19.54 -4.14 -15.83
C ALA A 345 20.31 -3.76 -14.56
N SER A 346 20.13 -4.55 -13.52
CA SER A 346 20.85 -4.35 -12.27
C SER A 346 21.11 -5.73 -11.66
N PRO A 347 21.99 -5.81 -10.64
CA PRO A 347 22.20 -7.12 -10.03
C PRO A 347 20.97 -7.62 -9.28
N ASN A 348 20.79 -8.94 -9.24
CA ASN A 348 19.81 -9.59 -8.38
C ASN A 348 19.81 -9.01 -6.98
N THR A 349 18.62 -8.84 -6.41
CA THR A 349 18.52 -8.51 -5.00
C THR A 349 18.96 -9.72 -4.22
N THR A 350 19.66 -9.50 -3.12
CA THR A 350 20.06 -10.60 -2.24
C THR A 350 19.73 -10.22 -0.83
N LEU A 351 19.92 -11.17 0.09
CA LEU A 351 19.65 -10.94 1.49
C LEU A 351 20.54 -9.84 2.09
N ASP A 352 21.59 -9.46 1.37
CA ASP A 352 22.50 -8.42 1.85
C ASP A 352 22.17 -7.05 1.27
N THR A 353 21.26 -7.01 0.30
CA THR A 353 20.86 -5.75 -0.31
C THR A 353 20.34 -4.78 0.74
N VAL A 354 20.89 -3.56 0.74
CA VAL A 354 20.50 -2.56 1.73
C VAL A 354 19.45 -1.63 1.14
N ILE A 355 18.43 -1.34 1.93
CA ILE A 355 17.43 -0.35 1.52
C ILE A 355 17.38 0.74 2.58
N ASP A 356 16.72 1.86 2.27
CA ASP A 356 16.56 2.94 3.24
C ASP A 356 15.43 3.88 2.85
N LEU A 357 14.97 4.66 3.81
CA LEU A 357 13.86 5.58 3.58
C LEU A 357 14.34 7.02 3.69
N GLY A 358 15.59 7.24 3.31
CA GLY A 358 16.18 8.57 3.38
C GLY A 358 15.94 9.28 4.70
N TYR A 359 15.15 10.34 4.66
CA TYR A 359 14.91 11.13 5.87
C TYR A 359 13.56 10.86 6.48
N ALA A 360 12.80 9.95 5.89
CA ALA A 360 11.48 9.65 6.42
C ALA A 360 11.57 9.12 7.86
N ASN A 361 12.30 8.02 8.06
CA ASN A 361 12.47 7.42 9.38
C ASN A 361 13.41 6.22 9.36
N GLY A 362 13.95 5.86 10.51
CA GLY A 362 14.81 4.69 10.62
C GLY A 362 16.12 4.82 9.86
N GLY A 363 16.91 3.76 9.84
CA GLY A 363 18.16 3.79 9.11
C GLY A 363 18.23 2.73 8.04
N PRO A 364 19.33 2.72 7.29
CA PRO A 364 19.63 1.64 6.33
C PRO A 364 19.51 0.28 6.99
N ILE A 365 19.05 -0.71 6.25
CA ILE A 365 18.80 -2.02 6.81
C ILE A 365 18.82 -3.06 5.69
N ALA A 366 19.39 -4.21 5.97
CA ALA A 366 19.57 -5.22 4.93
C ALA A 366 18.31 -6.06 4.75
N MET A 367 18.09 -6.55 3.54
CA MET A 367 16.93 -7.38 3.24
C MET A 367 16.72 -8.51 4.24
N ARG A 368 17.81 -9.13 4.68
CA ARG A 368 17.71 -10.29 5.58
C ARG A 368 16.94 -9.96 6.85
N ASP A 369 17.04 -8.72 7.29
CA ASP A 369 16.40 -8.27 8.50
C ASP A 369 14.93 -7.86 8.30
N LEU A 370 14.44 -7.98 7.06
CA LEU A 370 13.06 -7.57 6.74
C LEU A 370 12.15 -8.73 6.41
N MET A 371 12.74 -9.89 6.14
CA MET A 371 12.00 -11.02 5.62
C MET A 371 10.92 -11.58 6.56
N SER A 372 11.08 -11.39 7.86
CA SER A 372 10.09 -11.88 8.81
C SER A 372 9.49 -10.79 9.71
N THR A 373 8.18 -10.84 9.88
CA THR A 373 7.45 -9.92 10.76
C THR A 373 7.80 -10.08 12.23
N THR A 374 8.49 -11.16 12.59
CA THR A 374 8.89 -11.35 13.98
C THR A 374 10.39 -11.48 14.13
N ALA A 375 11.13 -10.88 13.21
CA ALA A 375 12.58 -10.79 13.34
C ALA A 375 13.03 -9.40 12.94
N GLY A 376 14.32 -9.13 13.05
CA GLY A 376 14.85 -7.81 12.76
C GLY A 376 14.20 -6.81 13.70
N PRO A 377 13.75 -5.67 13.15
CA PRO A 377 13.08 -4.65 13.95
C PRO A 377 11.59 -4.96 14.16
N PHE A 378 11.11 -6.05 13.56
CA PHE A 378 9.68 -6.34 13.49
C PHE A 378 9.21 -7.33 14.56
N CYS A 379 8.02 -7.09 15.10
CA CYS A 379 7.41 -8.00 16.04
C CYS A 379 5.90 -7.86 16.00
N TYR A 380 5.30 -8.25 14.87
CA TYR A 380 3.86 -8.12 14.72
C TYR A 380 3.26 -9.29 13.96
N VAL A 381 1.94 -9.40 14.06
CA VAL A 381 1.18 -10.41 13.38
C VAL A 381 -0.04 -9.70 12.81
N TYR A 382 -0.64 -10.26 11.78
CA TYR A 382 -1.93 -9.76 11.34
C TYR A 382 -3.04 -10.60 11.93
N LEU A 383 -4.09 -9.95 12.39
CA LEU A 383 -5.34 -10.61 12.67
C LEU A 383 -6.31 -10.24 11.56
C1 NAG B . 17.00 10.54 -3.14
C2 NAG B . 17.31 11.37 -1.90
C3 NAG B . 18.74 11.90 -1.86
C4 NAG B . 19.76 10.80 -2.18
C5 NAG B . 19.30 10.01 -3.41
C6 NAG B . 20.20 8.81 -3.55
C7 NAG B . 15.61 12.64 -0.78
C8 NAG B . 14.62 13.77 -0.84
N2 NAG B . 16.41 12.50 -1.83
O3 NAG B . 19.01 12.45 -0.59
O4 NAG B . 21.01 11.39 -2.44
O5 NAG B . 17.98 9.53 -3.28
O6 NAG B . 20.19 8.16 -2.29
O7 NAG B . 15.66 11.89 0.20
C1 NAG B . 21.84 11.50 -1.27
C2 NAG B . 23.28 11.07 -1.60
C3 NAG B . 24.26 11.28 -0.45
C4 NAG B . 24.04 12.58 0.32
C5 NAG B . 22.55 12.91 0.48
C6 NAG B . 22.39 14.34 0.99
C7 NAG B . 23.49 9.35 -3.25
C8 NAG B . 23.65 7.87 -3.54
N2 NAG B . 23.30 9.68 -1.99
O3 NAG B . 25.56 11.30 -1.00
O4 NAG B . 24.59 12.48 1.62
O5 NAG B . 21.86 12.81 -0.75
O6 NAG B . 22.86 15.21 -0.01
O7 NAG B . 23.53 10.18 -4.16
C1 BMA B . 25.78 13.25 1.91
C2 BMA B . 26.46 13.92 0.70
C3 BMA B . 27.79 14.46 1.17
C4 BMA B . 27.56 15.49 2.33
C5 BMA B . 26.81 14.80 3.50
C6 BMA B . 26.41 15.77 4.62
O2 BMA B . 25.73 15.07 0.30
O3 BMA B . 28.57 15.03 0.10
O4 BMA B . 28.79 16.02 2.82
O5 BMA B . 25.59 14.18 2.98
O6 BMA B . 26.40 15.05 5.85
CU CU C . 5.56 2.12 -3.34
CU CU D . 1.65 0.52 -3.53
O1 OXY E . 3.28 2.16 -4.66
O2 OXY E . 3.67 1.56 -3.69
C1 NAG F . -4.91 -22.55 14.66
C2 NAG F . -5.68 -23.62 13.87
C3 NAG F . -6.88 -24.13 14.65
C4 NAG F . -6.48 -24.51 16.06
C5 NAG F . -5.72 -23.35 16.69
C6 NAG F . -5.40 -23.66 18.15
C7 NAG F . -5.51 -23.57 11.46
C8 NAG F . -6.08 -23.11 10.15
N2 NAG F . -6.09 -23.11 12.57
O3 NAG F . -7.48 -25.24 14.00
O4 NAG F . -7.63 -24.77 16.82
O5 NAG F . -4.56 -23.06 15.93
O6 NAG F . -4.67 -24.87 18.22
O7 NAG F . -4.56 -24.34 11.51
C1 NAG G . 19.75 -13.90 -10.64
C2 NAG G . 20.80 -14.82 -11.25
C3 NAG G . 20.20 -15.71 -12.34
C4 NAG G . 18.98 -16.44 -11.78
C5 NAG G . 17.99 -15.40 -11.27
C6 NAG G . 16.71 -16.07 -10.78
C7 NAG G . 23.12 -14.15 -11.20
C8 NAG G . 24.34 -13.74 -11.98
N2 NAG G . 21.93 -14.10 -11.82
O3 NAG G . 21.16 -16.64 -12.78
O4 NAG G . 18.38 -17.24 -12.77
O5 NAG G . 18.60 -14.63 -10.25
O6 NAG G . 16.23 -15.45 -9.60
O7 NAG G . 23.23 -14.49 -10.03
C1 NAG H . -4.48 15.86 -23.06
C2 NAG H . -5.43 17.06 -22.92
C3 NAG H . -5.82 17.69 -24.26
C4 NAG H . -4.62 17.84 -25.20
C5 NAG H . -3.81 16.55 -25.26
C6 NAG H . -2.57 16.77 -26.11
C7 NAG H . -6.93 17.18 -20.97
C8 NAG H . -8.13 18.08 -20.88
N2 NAG H . -6.63 16.69 -22.19
O3 NAG H . -6.36 18.97 -24.04
O4 NAG H . -5.07 18.17 -26.49
O5 NAG H . -3.42 16.14 -23.96
O6 NAG H . -1.94 17.95 -25.68
O7 NAG H . -6.25 16.94 -19.97
C1 MAN I . -19.13 -12.75 -4.93
C2 MAN I . -19.27 -13.23 -6.37
C3 MAN I . -18.05 -12.83 -7.19
C4 MAN I . -17.84 -11.32 -7.05
C5 MAN I . -17.81 -10.92 -5.57
C6 MAN I . -17.58 -9.42 -5.39
O2 MAN I . -20.39 -12.64 -6.98
O3 MAN I . -18.24 -13.18 -8.54
O4 MAN I . -16.61 -10.98 -7.65
O5 MAN I . -19.01 -11.34 -4.94
O6 MAN I . -17.22 -9.15 -4.05
S SO4 J . -18.19 2.85 19.04
O1 SO4 J . -17.78 2.94 17.63
O2 SO4 J . -19.56 3.33 19.20
O3 SO4 J . -18.08 1.44 19.41
O4 SO4 J . -17.32 3.68 19.87
#